data_9EPW
#
_entry.id   9EPW
#
_cell.length_a   72.063
_cell.length_b   72.063
_cell.length_c   133.283
_cell.angle_alpha   90.00
_cell.angle_beta   90.00
_cell.angle_gamma   90.00
#
_symmetry.space_group_name_H-M   'P 43 21 2'
#
loop_
_entity.id
_entity.type
_entity.pdbx_description
1 polymer 'Casein kinase II subunit alpha'
2 non-polymer 'SULFATE ION'
3 non-polymer ~{N}-[(3-chloranyl-4-phenyl-phenyl)methyl]-2-[1-(3-methylquinolin-8-yl)sulfonylpiperidin-4-yl]ethanamine
4 water water
#
_entity_poly.entity_id   1
_entity_poly.type   'polypeptide(L)'
_entity_poly.pdbx_seq_one_letter_code
;SMSGPVPSRARVYTDVNTHRPREYWDYESHVVEWGNQDDYQLVRKLGRGKYSEVFEAINITNNEKVVVKILKPVKKKKIK
REIKILENLRGGPNIITLADIVKDPVSRTPALVFEHVNNTDFKQLYQTLTDYDIRFYMYEILKALDYCHSMGIMHRDVKP
HNVMIDHEHRKLRLIDWGLAEFYHPGQEYNVRVASRYFKGPELLVDYQMYDYSLDMWSLGCMLASMIFRKEPFFHGHDNY
DQLVRIAKVLGTEDLYDYIDKYNIELDPRFNDILGRHSRKRWERFVHSENQHLVSPEALDFLDKLLRYDHQSRLTAREAM
EHPYFYTVVKDQARMGSS
;
_entity_poly.pdbx_strand_id   B
#
loop_
_chem_comp.id
_chem_comp.type
_chem_comp.name
_chem_comp.formula
A1H6F non-polymer ~{N}-[(3-chloranyl-4-phenyl-phenyl)methyl]-2-[1-(3-methylquinolin-8-yl)sulfonylpiperidin-4-yl]ethanamine 'C30 H32 Cl N3 O2 S'
SO4 non-polymer 'SULFATE ION' 'O4 S -2'
#
# COMPACT_ATOMS: atom_id res chain seq x y z
N GLY A 4 -11.81 23.09 -15.51
CA GLY A 4 -10.87 21.97 -15.25
C GLY A 4 -10.33 21.98 -13.83
N PRO A 5 -9.80 20.84 -13.31
CA PRO A 5 -9.50 20.71 -11.88
C PRO A 5 -8.32 21.57 -11.44
N VAL A 6 -8.38 22.02 -10.18
CA VAL A 6 -7.32 22.79 -9.56
C VAL A 6 -6.14 21.86 -9.27
N PRO A 7 -4.90 22.26 -9.61
CA PRO A 7 -3.75 21.39 -9.43
C PRO A 7 -3.41 21.14 -7.96
N SER A 8 -2.62 20.08 -7.72
CA SER A 8 -2.28 19.66 -6.38
C SER A 8 -0.84 19.14 -6.39
N ARG A 9 -0.19 19.27 -5.23
CA ARG A 9 1.18 18.81 -5.01
C ARG A 9 1.25 18.08 -3.67
N ALA A 10 2.10 17.05 -3.60
CA ALA A 10 2.48 16.44 -2.32
C ALA A 10 2.94 17.52 -1.36
N ARG A 11 2.52 17.44 -0.10
CA ARG A 11 3.03 18.30 0.96
C ARG A 11 4.48 17.91 1.35
N VAL A 12 4.86 16.65 1.13
CA VAL A 12 6.20 16.20 1.46
C VAL A 12 6.81 15.48 0.27
N TYR A 13 8.14 15.42 0.27
CA TYR A 13 8.93 14.70 -0.70
C TYR A 13 8.56 15.12 -2.13
N THR A 14 8.26 16.41 -2.30
CA THR A 14 7.62 16.91 -3.51
C THR A 14 8.52 16.73 -4.73
N ASP A 15 9.80 17.06 -4.54
CA ASP A 15 10.72 17.29 -5.65
C ASP A 15 11.88 16.29 -5.61
N VAL A 16 11.70 15.20 -4.85
CA VAL A 16 12.78 14.26 -4.61
C VAL A 16 13.32 13.67 -5.92
N ASN A 17 12.39 13.39 -6.86
CA ASN A 17 12.76 12.78 -8.14
C ASN A 17 13.42 13.80 -9.08
N THR A 18 12.99 15.06 -8.98
CA THR A 18 13.54 16.11 -9.83
C THR A 18 15.04 16.22 -9.56
N HIS A 19 15.45 16.05 -8.28
CA HIS A 19 16.84 16.18 -7.86
C HIS A 19 17.69 14.93 -8.16
N ARG A 20 17.06 13.82 -8.57
CA ARG A 20 17.80 12.61 -8.88
C ARG A 20 18.18 12.61 -10.34
N PRO A 21 19.24 11.85 -10.70
CA PRO A 21 19.51 11.60 -12.10
C PRO A 21 18.29 11.00 -12.79
N ARG A 22 18.09 11.35 -14.05
CA ARG A 22 16.90 10.88 -14.81
C ARG A 22 16.78 9.37 -14.73
N GLU A 23 17.91 8.67 -14.85
CA GLU A 23 17.88 7.21 -14.88
C GLU A 23 17.15 6.64 -13.66
N TYR A 24 17.11 7.35 -12.53
CA TYR A 24 16.47 6.83 -11.30
C TYR A 24 14.99 6.51 -11.58
N TRP A 25 14.31 7.42 -12.28
CA TRP A 25 12.86 7.33 -12.44
C TRP A 25 12.46 7.02 -13.88
N ASP A 26 13.39 7.14 -14.81
CA ASP A 26 13.07 6.98 -16.22
C ASP A 26 13.30 5.52 -16.56
N TYR A 27 12.39 4.67 -16.06
CA TYR A 27 12.58 3.23 -16.08
C TYR A 27 12.52 2.66 -17.50
N GLU A 28 11.91 3.39 -18.44
CA GLU A 28 11.87 2.92 -19.82
C GLU A 28 13.29 2.73 -20.38
N SER A 29 14.27 3.50 -19.87
CA SER A 29 15.66 3.45 -20.31
C SER A 29 16.44 2.30 -19.64
N HIS A 30 15.87 1.70 -18.59
CA HIS A 30 16.59 0.71 -17.81
C HIS A 30 16.80 -0.56 -18.64
N VAL A 31 18.03 -1.10 -18.64
CA VAL A 31 18.36 -2.34 -19.34
C VAL A 31 18.51 -3.41 -18.27
N VAL A 32 17.67 -4.46 -18.36
CA VAL A 32 17.75 -5.58 -17.44
C VAL A 32 18.92 -6.49 -17.84
N GLU A 33 19.90 -6.70 -16.94
CA GLU A 33 20.95 -7.69 -17.12
C GLU A 33 20.50 -8.95 -16.37
N TRP A 34 20.04 -9.94 -17.15
CA TRP A 34 19.54 -11.24 -16.67
C TRP A 34 20.68 -12.01 -15.99
N GLY A 35 20.33 -12.71 -14.92
CA GLY A 35 21.24 -13.62 -14.28
C GLY A 35 21.14 -14.99 -14.94
N ASN A 36 21.79 -15.98 -14.32
CA ASN A 36 21.86 -17.34 -14.82
C ASN A 36 20.79 -18.20 -14.13
N GLN A 37 19.82 -18.65 -14.92
CA GLN A 37 18.68 -19.40 -14.42
C GLN A 37 19.11 -20.69 -13.72
N ASP A 38 20.23 -21.27 -14.16
CA ASP A 38 20.73 -22.52 -13.63
C ASP A 38 21.20 -22.38 -12.19
N ASP A 39 21.33 -21.14 -11.71
CA ASP A 39 21.77 -20.91 -10.35
C ASP A 39 20.66 -21.22 -9.33
N TYR A 40 19.41 -21.31 -9.77
CA TYR A 40 18.27 -21.42 -8.83
C TYR A 40 17.48 -22.68 -9.13
N GLN A 41 17.30 -23.55 -8.13
CA GLN A 41 16.40 -24.68 -8.27
C GLN A 41 15.17 -24.42 -7.40
N LEU A 42 13.98 -24.48 -8.01
CA LEU A 42 12.71 -24.41 -7.31
C LEU A 42 12.54 -25.64 -6.40
N VAL A 43 12.07 -25.38 -5.15
CA VAL A 43 11.87 -26.43 -4.15
C VAL A 43 10.37 -26.70 -3.95
N ARG A 44 9.57 -25.66 -3.68
CA ARG A 44 8.15 -25.87 -3.51
C ARG A 44 7.40 -24.60 -3.81
N LYS A 45 6.15 -24.79 -4.23
CA LYS A 45 5.25 -23.68 -4.45
C LYS A 45 4.76 -23.14 -3.11
N LEU A 46 4.78 -21.80 -2.95
CA LEU A 46 4.32 -21.15 -1.72
C LEU A 46 2.93 -20.54 -1.89
N GLY A 47 2.65 -20.01 -3.07
CA GLY A 47 1.36 -19.42 -3.35
C GLY A 47 1.28 -19.00 -4.81
N ARG A 48 0.07 -18.71 -5.29
CA ARG A 48 -0.19 -18.35 -6.69
C ARG A 48 -1.08 -17.09 -6.71
N GLY A 49 -0.82 -16.13 -7.60
CA GLY A 49 -1.68 -15.01 -7.89
C GLY A 49 -2.13 -15.05 -9.35
N LYS A 50 -2.89 -14.02 -9.77
CA LYS A 50 -3.37 -13.88 -11.15
C LYS A 50 -2.25 -13.31 -12.02
N TYR A 51 -1.21 -12.76 -11.36
CA TYR A 51 -0.07 -12.06 -11.97
C TYR A 51 1.28 -12.74 -11.72
N SER A 52 1.32 -13.78 -10.87
CA SER A 52 2.54 -14.49 -10.53
C SER A 52 2.31 -15.83 -9.83
N GLU A 53 3.39 -16.65 -9.79
CA GLU A 53 3.52 -17.85 -8.99
C GLU A 53 4.76 -17.69 -8.12
N VAL A 54 4.63 -18.01 -6.83
CA VAL A 54 5.68 -17.79 -5.83
C VAL A 54 6.17 -19.13 -5.31
N PHE A 55 7.49 -19.30 -5.30
CA PHE A 55 8.14 -20.54 -4.89
C PHE A 55 9.25 -20.29 -3.89
N GLU A 56 9.50 -21.28 -3.04
CA GLU A 56 10.77 -21.33 -2.35
C GLU A 56 11.77 -22.02 -3.26
N ALA A 57 13.00 -21.49 -3.31
CA ALA A 57 14.04 -22.02 -4.17
C ALA A 57 15.35 -22.02 -3.40
N ILE A 58 16.38 -22.53 -4.05
CA ILE A 58 17.73 -22.59 -3.49
C ILE A 58 18.72 -22.10 -4.55
N ASN A 59 19.63 -21.20 -4.13
CA ASN A 59 20.71 -20.77 -4.97
C ASN A 59 21.80 -21.82 -4.84
N ILE A 60 22.05 -22.60 -5.91
CA ILE A 60 22.94 -23.75 -5.81
C ILE A 60 24.42 -23.32 -5.82
N THR A 61 24.72 -22.09 -6.27
CA THR A 61 26.09 -21.59 -6.29
C THR A 61 26.60 -21.51 -4.85
N ASN A 62 25.71 -21.21 -3.88
CA ASN A 62 26.18 -20.93 -2.54
C ASN A 62 25.30 -21.51 -1.43
N ASN A 63 24.23 -22.22 -1.78
CA ASN A 63 23.35 -22.87 -0.83
C ASN A 63 22.45 -21.89 -0.05
N GLU A 64 22.13 -20.71 -0.60
CA GLU A 64 21.19 -19.78 0.01
C GLU A 64 19.74 -20.18 -0.28
N LYS A 65 18.86 -20.14 0.75
CA LYS A 65 17.40 -20.18 0.55
C LYS A 65 16.94 -18.84 -0.05
N VAL A 66 16.05 -18.89 -1.04
CA VAL A 66 15.63 -17.72 -1.80
C VAL A 66 14.14 -17.90 -2.08
N VAL A 67 13.48 -16.83 -2.50
CA VAL A 67 12.09 -16.88 -2.93
C VAL A 67 12.03 -16.39 -4.38
N VAL A 68 11.32 -17.11 -5.24
CA VAL A 68 11.24 -16.84 -6.67
C VAL A 68 9.81 -16.47 -7.00
N LYS A 69 9.62 -15.30 -7.60
CA LYS A 69 8.34 -14.87 -8.11
C LYS A 69 8.39 -14.92 -9.64
N ILE A 70 7.72 -15.92 -10.24
CA ILE A 70 7.67 -16.09 -11.70
C ILE A 70 6.51 -15.24 -12.19
N LEU A 71 6.78 -14.20 -12.99
CA LEU A 71 5.75 -13.26 -13.38
C LEU A 71 4.90 -13.91 -14.48
N LYS A 72 3.57 -13.74 -14.37
CA LYS A 72 2.68 -13.90 -15.52
C LYS A 72 3.00 -12.80 -16.54
N PRO A 73 2.75 -13.06 -17.84
CA PRO A 73 2.89 -12.03 -18.88
C PRO A 73 2.21 -10.73 -18.47
N VAL A 74 3.01 -9.65 -18.35
CA VAL A 74 2.51 -8.27 -18.23
C VAL A 74 3.29 -7.39 -19.21
N LYS A 75 2.75 -6.22 -19.55
CA LYS A 75 3.43 -5.27 -20.44
C LYS A 75 4.89 -5.02 -20.01
N LYS A 76 5.83 -4.99 -20.95
CA LYS A 76 7.25 -4.91 -20.65
C LYS A 76 7.50 -3.64 -19.82
N LYS A 77 6.72 -2.58 -20.08
CA LYS A 77 6.93 -1.29 -19.41
C LYS A 77 6.69 -1.43 -17.89
N LYS A 78 5.64 -2.20 -17.55
CA LYS A 78 5.23 -2.38 -16.15
C LYS A 78 6.20 -3.32 -15.45
N ILE A 79 6.80 -4.30 -16.12
CA ILE A 79 7.86 -5.12 -15.57
C ILE A 79 9.08 -4.25 -15.28
N LYS A 80 9.46 -3.40 -16.25
CA LYS A 80 10.62 -2.52 -16.05
C LYS A 80 10.40 -1.60 -14.83
N ARG A 81 9.17 -1.09 -14.73
CA ARG A 81 8.83 -0.18 -13.63
C ARG A 81 9.04 -0.87 -12.29
N GLU A 82 8.49 -2.07 -12.14
CA GLU A 82 8.56 -2.80 -10.88
C GLU A 82 10.01 -3.13 -10.56
N ILE A 83 10.79 -3.57 -11.55
CA ILE A 83 12.20 -3.91 -11.32
C ILE A 83 12.97 -2.67 -10.86
N LYS A 84 12.78 -1.55 -11.58
CA LYS A 84 13.53 -0.34 -11.25
C LYS A 84 13.22 0.11 -9.82
N ILE A 85 11.93 0.09 -9.48
CA ILE A 85 11.49 0.48 -8.15
C ILE A 85 12.11 -0.44 -7.08
N LEU A 86 12.06 -1.74 -7.31
CA LEU A 86 12.61 -2.70 -6.36
C LEU A 86 14.10 -2.47 -6.18
N GLU A 87 14.81 -2.17 -7.27
CA GLU A 87 16.25 -1.93 -7.19
C GLU A 87 16.51 -0.60 -6.44
N ASN A 88 15.72 0.44 -6.73
CA ASN A 88 15.91 1.72 -6.06
C ASN A 88 15.69 1.60 -4.55
N LEU A 89 14.73 0.75 -4.14
CA LEU A 89 14.29 0.64 -2.75
C LEU A 89 15.04 -0.44 -1.98
N ARG A 90 15.90 -1.23 -2.67
CA ARG A 90 16.61 -2.34 -2.06
C ARG A 90 17.32 -1.89 -0.78
N GLY A 91 17.17 -2.68 0.29
CA GLY A 91 17.77 -2.37 1.56
C GLY A 91 16.90 -1.47 2.45
N GLY A 92 15.78 -0.97 1.94
CA GLY A 92 14.92 -0.09 2.72
C GLY A 92 14.20 -0.85 3.81
N PRO A 93 13.76 -0.20 4.91
CA PRO A 93 13.11 -0.91 5.99
C PRO A 93 11.82 -1.61 5.57
N ASN A 94 11.82 -2.93 5.77
CA ASN A 94 10.68 -3.77 5.54
C ASN A 94 10.28 -3.82 4.06
N ILE A 95 11.16 -3.44 3.13
CA ILE A 95 10.90 -3.65 1.72
C ILE A 95 11.56 -4.98 1.35
N ILE A 96 10.84 -5.85 0.64
CA ILE A 96 11.43 -7.08 0.08
C ILE A 96 12.69 -6.77 -0.72
N THR A 97 13.72 -7.58 -0.53
CA THR A 97 15.04 -7.32 -1.10
C THR A 97 15.24 -8.13 -2.37
N LEU A 98 15.34 -7.47 -3.52
CA LEU A 98 15.49 -8.15 -4.79
C LEU A 98 16.95 -8.53 -4.97
N ALA A 99 17.22 -9.83 -5.02
CA ALA A 99 18.57 -10.37 -5.16
C ALA A 99 18.96 -10.58 -6.64
N ASP A 100 18.02 -10.89 -7.54
CA ASP A 100 18.42 -11.33 -8.88
C ASP A 100 17.20 -11.39 -9.76
N ILE A 101 17.44 -11.47 -11.07
CA ILE A 101 16.40 -11.43 -12.07
C ILE A 101 16.79 -12.46 -13.13
N VAL A 102 15.97 -13.47 -13.34
CA VAL A 102 16.33 -14.57 -14.27
C VAL A 102 15.15 -14.83 -15.20
N LYS A 103 15.41 -15.29 -16.42
CA LYS A 103 14.28 -15.66 -17.30
C LYS A 103 13.89 -17.12 -17.03
N ASP A 104 12.60 -17.39 -16.87
CA ASP A 104 12.14 -18.79 -16.70
C ASP A 104 12.32 -19.53 -18.02
N PRO A 105 12.81 -20.78 -18.02
CA PRO A 105 12.94 -21.54 -19.24
C PRO A 105 11.56 -21.88 -19.80
N VAL A 106 10.69 -22.41 -18.93
CA VAL A 106 9.35 -22.86 -19.41
C VAL A 106 8.55 -21.71 -20.00
N SER A 107 8.11 -20.78 -19.16
CA SER A 107 7.19 -19.72 -19.62
C SER A 107 7.94 -18.63 -20.36
N ARG A 108 9.27 -18.70 -20.41
CA ARG A 108 10.06 -17.62 -21.04
C ARG A 108 9.92 -16.34 -20.20
N THR A 109 8.96 -16.30 -19.28
CA THR A 109 8.65 -15.09 -18.46
C THR A 109 9.73 -14.78 -17.43
N PRO A 110 9.84 -13.50 -17.00
CA PRO A 110 10.81 -13.11 -15.96
C PRO A 110 10.54 -13.69 -14.57
N ALA A 111 11.62 -13.96 -13.85
CA ALA A 111 11.50 -14.47 -12.47
C ALA A 111 12.32 -13.57 -11.54
N LEU A 112 11.67 -12.95 -10.56
CA LEU A 112 12.38 -12.14 -9.58
C LEU A 112 12.80 -13.04 -8.43
N VAL A 113 14.04 -12.88 -7.97
CA VAL A 113 14.60 -13.70 -6.91
C VAL A 113 14.82 -12.78 -5.72
N PHE A 114 14.21 -13.14 -4.59
CA PHE A 114 14.31 -12.35 -3.36
C PHE A 114 15.08 -13.11 -2.30
N GLU A 115 15.72 -12.30 -1.44
CA GLU A 115 16.24 -12.74 -0.15
C GLU A 115 15.08 -13.43 0.61
N HIS A 116 15.40 -14.53 1.32
CA HIS A 116 14.43 -15.42 1.94
C HIS A 116 13.53 -14.65 2.92
N VAL A 117 12.23 -14.87 2.82
CA VAL A 117 11.23 -14.22 3.66
C VAL A 117 10.19 -15.27 4.06
N ASN A 118 9.67 -15.14 5.28
CA ASN A 118 8.70 -16.07 5.80
C ASN A 118 7.37 -15.35 5.99
N ASN A 119 6.27 -16.07 5.73
CA ASN A 119 4.93 -15.61 6.04
C ASN A 119 4.32 -16.55 7.08
N THR A 120 3.80 -15.98 8.18
CA THR A 120 2.95 -16.73 9.10
C THR A 120 1.53 -16.72 8.53
N ASP A 121 0.96 -17.92 8.35
CA ASP A 121 -0.45 -18.11 8.07
C ASP A 121 -1.25 -17.16 8.97
N PHE A 122 -1.85 -16.13 8.34
CA PHE A 122 -2.43 -15.01 9.07
C PHE A 122 -3.60 -15.50 9.94
N LYS A 123 -4.39 -16.46 9.42
CA LYS A 123 -5.59 -16.96 10.09
C LYS A 123 -5.26 -17.41 11.51
N GLN A 124 -4.12 -18.09 11.67
CA GLN A 124 -3.66 -18.53 12.99
C GLN A 124 -3.38 -17.32 13.88
N LEU A 125 -2.94 -16.20 13.27
CA LEU A 125 -2.62 -14.99 14.01
C LEU A 125 -3.87 -14.15 14.28
N TYR A 126 -4.76 -13.99 13.28
CA TYR A 126 -5.88 -13.06 13.35
C TYR A 126 -6.61 -13.15 14.68
N GLN A 127 -6.84 -14.38 15.16
CA GLN A 127 -7.63 -14.62 16.36
C GLN A 127 -6.80 -14.30 17.61
N THR A 128 -5.49 -14.12 17.44
CA THR A 128 -4.58 -13.92 18.56
C THR A 128 -3.94 -12.54 18.55
N LEU A 129 -4.43 -11.61 17.69
CA LEU A 129 -3.75 -10.32 17.53
C LEU A 129 -4.25 -9.32 18.57
N THR A 130 -3.29 -8.83 19.38
CA THR A 130 -3.57 -7.89 20.45
C THR A 130 -3.64 -6.49 19.87
N ASP A 131 -4.19 -5.58 20.68
CA ASP A 131 -4.10 -4.14 20.42
C ASP A 131 -2.64 -3.74 20.21
N TYR A 132 -1.73 -4.21 21.08
CA TYR A 132 -0.32 -3.89 20.95
C TYR A 132 0.24 -4.39 19.61
N ASP A 133 -0.10 -5.61 19.24
CA ASP A 133 0.41 -6.19 18.00
C ASP A 133 0.02 -5.32 16.81
N ILE A 134 -1.23 -4.87 16.77
CA ILE A 134 -1.71 -4.05 15.67
C ILE A 134 -0.91 -2.75 15.61
N ARG A 135 -0.71 -2.08 16.75
CA ARG A 135 0.09 -0.86 16.80
C ARG A 135 1.50 -1.14 16.28
N PHE A 136 2.11 -2.24 16.73
CA PHE A 136 3.47 -2.59 16.35
C PHE A 136 3.59 -2.79 14.84
N TYR A 137 2.74 -3.64 14.28
CA TYR A 137 2.82 -3.96 12.86
C TYR A 137 2.44 -2.73 12.01
N MET A 138 1.47 -1.93 12.44
CA MET A 138 1.14 -0.70 11.73
C MET A 138 2.39 0.21 11.69
N TYR A 139 3.13 0.32 12.80
CA TYR A 139 4.34 1.15 12.83
C TYR A 139 5.36 0.62 11.80
N GLU A 140 5.51 -0.71 11.75
CA GLU A 140 6.44 -1.36 10.81
C GLU A 140 6.06 -1.04 9.36
N ILE A 141 4.74 -1.06 9.04
CA ILE A 141 4.28 -0.71 7.70
C ILE A 141 4.63 0.75 7.42
N LEU A 142 4.39 1.62 8.41
CA LEU A 142 4.69 3.04 8.23
C LEU A 142 6.18 3.26 7.94
N LYS A 143 7.07 2.49 8.55
CA LYS A 143 8.50 2.64 8.21
C LYS A 143 8.75 2.35 6.73
N ALA A 144 8.12 1.31 6.17
CA ALA A 144 8.26 1.00 4.74
C ALA A 144 7.69 2.11 3.86
N LEU A 145 6.52 2.64 4.22
CA LEU A 145 5.87 3.70 3.45
C LEU A 145 6.65 5.02 3.53
N ASP A 146 7.08 5.43 4.71
CA ASP A 146 7.89 6.64 4.82
C ASP A 146 9.14 6.46 3.94
N TYR A 147 9.74 5.28 3.98
CA TYR A 147 10.94 5.07 3.19
C TYR A 147 10.62 5.21 1.69
N CYS A 148 9.64 4.46 1.19
CA CYS A 148 9.39 4.50 -0.24
C CYS A 148 8.92 5.90 -0.67
N HIS A 149 8.09 6.57 0.11
CA HIS A 149 7.70 7.95 -0.19
C HIS A 149 8.92 8.86 -0.25
N SER A 150 9.86 8.71 0.71
CA SER A 150 11.05 9.54 0.75
C SER A 150 11.92 9.29 -0.48
N MET A 151 11.79 8.10 -1.08
CA MET A 151 12.50 7.68 -2.26
C MET A 151 11.69 7.99 -3.53
N GLY A 152 10.61 8.76 -3.38
CA GLY A 152 9.88 9.26 -4.55
C GLY A 152 8.91 8.24 -5.15
N ILE A 153 8.46 7.24 -4.35
CA ILE A 153 7.66 6.15 -4.88
C ILE A 153 6.38 5.98 -4.06
N MET A 154 5.24 5.88 -4.78
CA MET A 154 3.94 5.53 -4.21
C MET A 154 3.71 4.03 -4.42
N HIS A 155 3.25 3.32 -3.39
CA HIS A 155 2.95 1.89 -3.54
C HIS A 155 1.69 1.68 -4.40
N ARG A 156 0.59 2.37 -4.03
CA ARG A 156 -0.68 2.42 -4.73
C ARG A 156 -1.46 1.10 -4.66
N ASP A 157 -1.07 0.19 -3.77
CA ASP A 157 -1.81 -1.05 -3.63
C ASP A 157 -1.65 -1.61 -2.22
N VAL A 158 -1.78 -0.74 -1.23
CA VAL A 158 -1.67 -1.14 0.16
C VAL A 158 -2.92 -1.92 0.54
N LYS A 159 -2.72 -3.15 1.07
CA LYS A 159 -3.82 -4.00 1.51
C LYS A 159 -3.20 -5.16 2.29
N PRO A 160 -3.99 -5.90 3.08
CA PRO A 160 -3.51 -7.07 3.81
C PRO A 160 -2.74 -8.09 2.97
N HIS A 161 -3.21 -8.33 1.73
CA HIS A 161 -2.57 -9.32 0.88
C HIS A 161 -1.13 -8.91 0.52
N ASN A 162 -0.83 -7.61 0.60
CA ASN A 162 0.48 -7.08 0.23
C ASN A 162 1.37 -6.86 1.46
N VAL A 163 0.98 -7.41 2.61
CA VAL A 163 1.74 -7.24 3.84
C VAL A 163 2.06 -8.62 4.37
N MET A 164 3.32 -8.98 4.34
CA MET A 164 3.73 -10.22 4.97
C MET A 164 4.10 -9.93 6.42
N ILE A 165 3.73 -10.83 7.33
CA ILE A 165 4.33 -10.91 8.68
C ILE A 165 4.99 -12.27 8.93
N ASP A 166 6.13 -12.27 9.60
CA ASP A 166 6.71 -13.45 10.24
C ASP A 166 6.58 -13.18 11.74
N HIS A 167 5.51 -13.67 12.35
CA HIS A 167 5.19 -13.34 13.73
C HIS A 167 6.26 -13.86 14.69
N GLU A 168 6.87 -15.01 14.38
CA GLU A 168 7.83 -15.62 15.28
C GLU A 168 9.00 -14.66 15.56
N HIS A 169 9.43 -13.89 14.54
CA HIS A 169 10.61 -13.05 14.65
C HIS A 169 10.23 -11.57 14.56
N ARG A 170 8.94 -11.27 14.76
CA ARG A 170 8.47 -9.89 14.81
C ARG A 170 8.88 -9.10 13.56
N LYS A 171 8.78 -9.73 12.36
CA LYS A 171 9.27 -9.13 11.14
C LYS A 171 8.16 -8.93 10.10
N LEU A 172 8.29 -7.92 9.27
CA LEU A 172 7.23 -7.55 8.34
C LEU A 172 7.80 -7.12 7.00
N ARG A 173 7.05 -7.32 5.93
CA ARG A 173 7.52 -6.95 4.60
C ARG A 173 6.36 -6.40 3.78
N LEU A 174 6.58 -5.26 3.10
CA LEU A 174 5.63 -4.74 2.14
C LEU A 174 5.99 -5.29 0.76
N ILE A 175 5.06 -6.02 0.12
CA ILE A 175 5.29 -6.73 -1.12
C ILE A 175 4.39 -6.21 -2.24
N ASP A 176 4.56 -6.80 -3.43
CA ASP A 176 3.81 -6.52 -4.66
C ASP A 176 3.86 -5.04 -5.03
N TRP A 177 5.03 -4.69 -5.57
CA TRP A 177 5.35 -3.36 -6.07
C TRP A 177 4.91 -3.15 -7.52
N GLY A 178 4.08 -4.06 -8.04
CA GLY A 178 3.70 -4.08 -9.46
C GLY A 178 2.85 -2.90 -9.90
N LEU A 179 2.18 -2.23 -8.95
CA LEU A 179 1.35 -1.07 -9.25
C LEU A 179 2.02 0.23 -8.83
N ALA A 180 3.19 0.16 -8.18
CA ALA A 180 3.89 1.33 -7.68
C ALA A 180 4.37 2.23 -8.83
N GLU A 181 4.51 3.53 -8.53
CA GLU A 181 4.86 4.53 -9.52
C GLU A 181 5.69 5.62 -8.83
N PHE A 182 6.51 6.30 -9.63
CA PHE A 182 7.27 7.47 -9.21
C PHE A 182 6.34 8.69 -9.11
N TYR A 183 6.48 9.47 -8.03
CA TYR A 183 5.77 10.73 -7.88
C TYR A 183 6.51 11.89 -8.56
N HIS A 184 5.83 12.58 -9.47
CA HIS A 184 6.37 13.75 -10.14
C HIS A 184 5.33 14.85 -10.04
N PRO A 185 5.67 16.04 -9.51
CA PRO A 185 4.66 17.09 -9.32
C PRO A 185 4.04 17.49 -10.66
N GLY A 186 2.71 17.53 -10.70
CA GLY A 186 2.02 17.88 -11.93
C GLY A 186 1.50 16.68 -12.71
N GLN A 187 2.05 15.48 -12.49
CA GLN A 187 1.72 14.36 -13.34
C GLN A 187 0.33 13.82 -12.99
N GLU A 188 -0.43 13.54 -14.06
CA GLU A 188 -1.74 12.92 -13.97
C GLU A 188 -1.58 11.41 -14.05
N TYR A 189 -2.04 10.71 -12.99
CA TYR A 189 -1.94 9.25 -12.88
C TYR A 189 -3.25 8.56 -13.24
N ASN A 190 -3.15 7.30 -13.65
CA ASN A 190 -4.29 6.43 -13.87
C ASN A 190 -5.02 6.22 -12.53
N VAL A 191 -6.33 6.41 -12.47
CA VAL A 191 -7.04 6.27 -11.20
C VAL A 191 -7.46 4.82 -11.00
N ARG A 192 -7.28 3.96 -12.02
CA ARG A 192 -7.80 2.60 -11.96
C ARG A 192 -6.74 1.70 -11.32
N VAL A 193 -6.44 1.98 -10.05
CA VAL A 193 -5.39 1.27 -9.32
C VAL A 193 -5.92 1.05 -7.93
N ALA A 194 -5.21 0.18 -7.18
CA ALA A 194 -5.56 -0.27 -5.85
C ALA A 194 -6.77 -1.21 -5.90
N SER A 195 -6.93 -2.01 -4.85
CA SER A 195 -8.14 -2.81 -4.71
C SER A 195 -9.29 -1.89 -4.26
N ARG A 196 -10.49 -2.14 -4.79
CA ARG A 196 -11.65 -1.29 -4.56
C ARG A 196 -11.78 -0.84 -3.10
N TYR A 197 -11.56 -1.75 -2.17
CA TYR A 197 -11.86 -1.44 -0.78
C TYR A 197 -10.90 -0.39 -0.21
N PHE A 198 -9.73 -0.24 -0.88
CA PHE A 198 -8.63 0.58 -0.39
C PHE A 198 -8.40 1.77 -1.32
N LYS A 199 -9.25 1.95 -2.31
CA LYS A 199 -9.12 3.09 -3.21
C LYS A 199 -9.47 4.36 -2.46
N GLY A 200 -8.63 5.40 -2.61
CA GLY A 200 -8.90 6.69 -2.05
C GLY A 200 -10.04 7.39 -2.78
N PRO A 201 -10.73 8.33 -2.10
CA PRO A 201 -11.75 9.14 -2.74
C PRO A 201 -11.24 9.83 -4.01
N GLU A 202 -9.96 10.21 -4.05
CA GLU A 202 -9.40 10.86 -5.23
C GLU A 202 -9.57 9.94 -6.44
N LEU A 203 -9.34 8.64 -6.26
CA LEU A 203 -9.47 7.74 -7.40
C LEU A 203 -10.94 7.64 -7.80
N LEU A 204 -11.83 7.56 -6.81
CA LEU A 204 -13.24 7.28 -7.04
C LEU A 204 -13.93 8.46 -7.73
N VAL A 205 -13.45 9.70 -7.50
CA VAL A 205 -14.02 10.88 -8.14
C VAL A 205 -13.21 11.28 -9.38
N ASP A 206 -12.17 10.51 -9.75
CA ASP A 206 -11.37 10.72 -10.95
C ASP A 206 -10.54 12.02 -10.85
N TYR A 207 -9.88 12.24 -9.69
CA TYR A 207 -8.87 13.29 -9.55
C TYR A 207 -7.50 12.65 -9.76
N GLN A 208 -6.86 12.99 -10.88
CA GLN A 208 -5.70 12.24 -11.36
C GLN A 208 -4.37 12.71 -10.76
N MET A 209 -4.30 13.95 -10.27
CA MET A 209 -3.04 14.57 -9.89
C MET A 209 -2.75 14.28 -8.40
N TYR A 210 -2.73 12.98 -8.08
CA TYR A 210 -2.65 12.52 -6.69
C TYR A 210 -1.20 12.26 -6.32
N ASP A 211 -0.94 11.70 -5.14
CA ASP A 211 0.41 11.62 -4.60
C ASP A 211 0.47 10.52 -3.56
N TYR A 212 1.58 10.51 -2.79
CA TYR A 212 1.89 9.51 -1.76
C TYR A 212 0.73 9.29 -0.80
N SER A 213 -0.04 10.37 -0.58
CA SER A 213 -1.12 10.38 0.41
C SER A 213 -2.20 9.34 0.09
N LEU A 214 -2.27 8.86 -1.18
CA LEU A 214 -3.16 7.75 -1.52
C LEU A 214 -2.90 6.56 -0.59
N ASP A 215 -1.62 6.26 -0.36
CA ASP A 215 -1.22 5.11 0.44
C ASP A 215 -1.74 5.24 1.88
N MET A 216 -1.83 6.48 2.36
CA MET A 216 -2.26 6.75 3.73
C MET A 216 -3.76 6.48 3.92
N TRP A 217 -4.56 6.76 2.88
CA TRP A 217 -5.97 6.37 2.88
C TRP A 217 -6.08 4.85 2.98
N SER A 218 -5.36 4.14 2.09
CA SER A 218 -5.41 2.68 2.08
C SER A 218 -5.03 2.11 3.45
N LEU A 219 -4.00 2.70 4.07
CA LEU A 219 -3.55 2.27 5.37
C LEU A 219 -4.70 2.47 6.38
N GLY A 220 -5.36 3.62 6.34
CA GLY A 220 -6.50 3.88 7.21
C GLY A 220 -7.59 2.81 7.05
N CYS A 221 -7.84 2.39 5.81
CA CYS A 221 -8.83 1.34 5.56
C CYS A 221 -8.42 0.04 6.25
N MET A 222 -7.13 -0.29 6.18
CA MET A 222 -6.60 -1.46 6.86
C MET A 222 -6.80 -1.35 8.38
N LEU A 223 -6.44 -0.19 8.94
CA LEU A 223 -6.55 0.01 10.38
C LEU A 223 -8.01 -0.17 10.81
N ALA A 224 -8.95 0.44 10.10
CA ALA A 224 -10.36 0.30 10.42
C ALA A 224 -10.77 -1.18 10.44
N SER A 225 -10.33 -1.92 9.41
CA SER A 225 -10.73 -3.33 9.32
C SER A 225 -10.18 -4.12 10.52
N MET A 226 -8.99 -3.77 11.01
CA MET A 226 -8.35 -4.50 12.09
C MET A 226 -9.01 -4.15 13.43
N ILE A 227 -9.16 -2.85 13.77
CA ILE A 227 -9.68 -2.47 15.09
C ILE A 227 -11.17 -2.79 15.20
N PHE A 228 -11.89 -2.78 14.07
CA PHE A 228 -13.33 -3.00 14.11
C PHE A 228 -13.70 -4.44 13.75
N ARG A 229 -12.71 -5.26 13.37
CA ARG A 229 -12.95 -6.66 13.02
C ARG A 229 -13.98 -6.75 11.90
N LYS A 230 -13.71 -6.03 10.81
CA LYS A 230 -14.63 -5.94 9.70
C LYS A 230 -13.77 -5.80 8.44
N GLU A 231 -13.61 -6.92 7.73
CA GLU A 231 -12.72 -6.97 6.58
C GLU A 231 -13.55 -7.31 5.34
N PRO A 232 -13.65 -6.43 4.31
CA PRO A 232 -13.07 -5.08 4.30
C PRO A 232 -13.95 -4.12 5.09
N PHE A 233 -13.42 -2.94 5.47
CA PHE A 233 -14.22 -2.02 6.29
C PHE A 233 -15.26 -1.30 5.44
N PHE A 234 -14.81 -0.68 4.33
CA PHE A 234 -15.67 -0.12 3.31
C PHE A 234 -15.84 -1.17 2.21
N HIS A 235 -16.98 -1.88 2.28
CA HIS A 235 -17.26 -3.01 1.35
C HIS A 235 -18.19 -2.61 0.21
N GLY A 236 -17.65 -1.94 -0.79
CA GLY A 236 -18.47 -1.62 -1.96
C GLY A 236 -18.57 -2.82 -2.87
N HIS A 237 -19.70 -2.92 -3.59
CA HIS A 237 -19.88 -4.04 -4.54
C HIS A 237 -19.42 -3.53 -5.92
N ASP A 238 -19.29 -2.21 -6.06
CA ASP A 238 -18.81 -1.61 -7.33
C ASP A 238 -18.10 -0.30 -7.01
N ASN A 239 -17.53 0.37 -8.00
CA ASN A 239 -16.74 1.57 -7.74
C ASN A 239 -17.64 2.69 -7.23
N TYR A 240 -18.89 2.71 -7.69
CA TYR A 240 -19.83 3.76 -7.31
C TYR A 240 -20.26 3.57 -5.87
N ASP A 241 -20.73 2.36 -5.56
CA ASP A 241 -21.13 1.97 -4.22
C ASP A 241 -19.95 2.08 -3.26
N GLN A 242 -18.69 1.93 -3.74
CA GLN A 242 -17.56 2.11 -2.84
C GLN A 242 -17.60 3.51 -2.21
N LEU A 243 -17.81 4.52 -3.06
CA LEU A 243 -17.84 5.89 -2.59
C LEU A 243 -19.06 6.11 -1.69
N VAL A 244 -20.18 5.45 -2.00
CA VAL A 244 -21.39 5.55 -1.19
C VAL A 244 -21.10 5.03 0.21
N ARG A 245 -20.41 3.90 0.32
CA ARG A 245 -20.12 3.33 1.63
C ARG A 245 -19.29 4.31 2.45
N ILE A 246 -18.30 4.94 1.80
CA ILE A 246 -17.47 5.93 2.47
C ILE A 246 -18.35 7.11 2.92
N ALA A 247 -19.20 7.60 2.02
CA ALA A 247 -20.01 8.78 2.27
C ALA A 247 -21.00 8.56 3.41
N LYS A 248 -21.45 7.32 3.60
CA LYS A 248 -22.39 7.01 4.67
C LYS A 248 -21.71 7.12 6.03
N VAL A 249 -20.37 7.14 6.06
CA VAL A 249 -19.61 7.25 7.30
C VAL A 249 -19.04 8.66 7.46
N LEU A 250 -18.25 9.11 6.48
CA LEU A 250 -17.59 10.41 6.54
C LEU A 250 -18.56 11.56 6.28
N GLY A 251 -19.72 11.24 5.68
CA GLY A 251 -20.73 12.24 5.36
C GLY A 251 -20.52 12.84 3.96
N THR A 252 -21.61 13.35 3.40
CA THR A 252 -21.56 13.97 2.09
C THR A 252 -21.07 15.43 2.13
N GLU A 253 -21.20 16.14 3.26
CA GLU A 253 -20.85 17.56 3.30
C GLU A 253 -19.37 17.74 2.97
N ASP A 254 -18.50 16.94 3.60
CA ASP A 254 -17.04 17.04 3.41
C ASP A 254 -16.67 16.55 2.01
N LEU A 255 -17.42 15.60 1.46
CA LEU A 255 -17.18 15.10 0.10
C LEU A 255 -17.37 16.23 -0.91
N TYR A 256 -18.51 16.91 -0.82
CA TYR A 256 -18.84 18.00 -1.71
C TYR A 256 -17.88 19.18 -1.47
N ASP A 257 -17.42 19.37 -0.22
CA ASP A 257 -16.41 20.42 0.04
C ASP A 257 -15.11 20.14 -0.72
N TYR A 258 -14.68 18.87 -0.74
CA TYR A 258 -13.47 18.38 -1.42
C TYR A 258 -13.62 18.62 -2.92
N ILE A 259 -14.77 18.22 -3.48
CA ILE A 259 -14.99 18.37 -4.91
C ILE A 259 -14.97 19.86 -5.27
N ASP A 260 -15.57 20.71 -4.42
CA ASP A 260 -15.56 22.15 -4.67
C ASP A 260 -14.13 22.69 -4.63
N LYS A 261 -13.35 22.30 -3.62
CA LYS A 261 -12.02 22.86 -3.41
C LYS A 261 -11.12 22.60 -4.63
N TYR A 262 -11.23 21.41 -5.21
CA TYR A 262 -10.37 21.02 -6.32
C TYR A 262 -11.06 21.24 -7.67
N ASN A 263 -12.28 21.80 -7.67
CA ASN A 263 -13.03 22.08 -8.88
C ASN A 263 -13.15 20.81 -9.70
N ILE A 264 -13.50 19.70 -9.03
CA ILE A 264 -13.67 18.44 -9.73
C ILE A 264 -15.07 18.37 -10.35
N GLU A 265 -15.13 17.94 -11.62
CA GLU A 265 -16.39 17.74 -12.32
C GLU A 265 -16.84 16.31 -12.11
N LEU A 266 -17.98 16.17 -11.43
CA LEU A 266 -18.56 14.87 -11.20
C LEU A 266 -19.88 14.79 -11.96
N ASP A 267 -20.17 13.58 -12.45
CA ASP A 267 -21.42 13.27 -13.11
C ASP A 267 -22.57 13.74 -12.20
N PRO A 268 -23.55 14.52 -12.73
CA PRO A 268 -24.70 14.94 -11.93
C PRO A 268 -25.51 13.75 -11.43
N ARG A 269 -25.43 12.64 -12.17
CA ARG A 269 -25.99 11.36 -11.78
C ARG A 269 -25.35 10.85 -10.48
N PHE A 270 -24.02 10.92 -10.41
CA PHE A 270 -23.31 10.49 -9.22
C PHE A 270 -23.80 11.29 -8.00
N ASN A 271 -24.13 12.56 -8.22
CA ASN A 271 -24.52 13.43 -7.11
C ASN A 271 -25.83 12.94 -6.49
N ASP A 272 -26.72 12.40 -7.33
CA ASP A 272 -28.03 11.97 -6.87
C ASP A 272 -27.92 10.62 -6.19
N ILE A 273 -27.03 9.74 -6.67
CA ILE A 273 -26.87 8.43 -6.07
C ILE A 273 -26.04 8.58 -4.77
N LEU A 274 -25.23 9.64 -4.66
CA LEU A 274 -24.48 9.91 -3.42
C LEU A 274 -25.44 10.37 -2.32
N GLY A 275 -26.41 11.20 -2.69
CA GLY A 275 -27.42 11.67 -1.75
C GLY A 275 -26.87 12.60 -0.67
N ARG A 276 -27.42 12.46 0.54
CA ARG A 276 -27.10 13.28 1.68
C ARG A 276 -26.93 12.33 2.86
N HIS A 277 -25.76 12.36 3.48
CA HIS A 277 -25.50 11.55 4.66
C HIS A 277 -24.78 12.40 5.70
N SER A 278 -25.20 12.26 6.96
CA SER A 278 -24.48 12.85 8.07
C SER A 278 -23.11 12.18 8.27
N ARG A 279 -22.16 12.91 8.85
CA ARG A 279 -20.92 12.33 9.31
C ARG A 279 -21.23 11.56 10.61
N LYS A 280 -20.88 10.27 10.65
CA LYS A 280 -21.13 9.41 11.79
C LYS A 280 -19.95 9.52 12.76
N ARG A 281 -20.25 9.35 14.03
CA ARG A 281 -19.20 9.12 15.01
C ARG A 281 -18.66 7.70 14.87
N TRP A 282 -17.33 7.53 14.97
CA TRP A 282 -16.64 6.24 14.87
C TRP A 282 -17.11 5.24 15.92
N GLU A 283 -17.68 5.77 17.01
CA GLU A 283 -18.11 4.97 18.15
C GLU A 283 -19.25 4.01 17.77
N ARG A 284 -19.99 4.33 16.71
CA ARG A 284 -21.11 3.49 16.34
C ARG A 284 -20.66 2.13 15.77
N PHE A 285 -19.36 1.97 15.42
CA PHE A 285 -18.84 0.73 14.85
C PHE A 285 -18.09 -0.07 15.92
N VAL A 286 -18.01 0.43 17.17
CA VAL A 286 -17.43 -0.33 18.28
C VAL A 286 -18.53 -1.22 18.87
N HIS A 287 -18.15 -2.46 19.19
CA HIS A 287 -19.05 -3.47 19.75
C HIS A 287 -18.21 -4.36 20.68
N SER A 288 -18.86 -5.25 21.43
CA SER A 288 -18.19 -6.03 22.48
C SER A 288 -17.04 -6.87 21.92
N GLU A 289 -17.14 -7.27 20.63
CA GLU A 289 -16.15 -8.14 19.97
C GLU A 289 -14.85 -7.39 19.61
N ASN A 290 -14.95 -6.07 19.31
CA ASN A 290 -13.84 -5.28 18.77
C ASN A 290 -13.34 -4.21 19.75
N GLN A 291 -14.05 -3.99 20.87
CA GLN A 291 -13.77 -2.82 21.69
C GLN A 291 -12.37 -2.94 22.32
N HIS A 292 -11.84 -4.15 22.48
CA HIS A 292 -10.52 -4.35 23.05
C HIS A 292 -9.42 -3.84 22.12
N LEU A 293 -9.76 -3.53 20.85
CA LEU A 293 -8.79 -3.07 19.86
C LEU A 293 -8.86 -1.56 19.68
N VAL A 294 -9.87 -0.93 20.28
CA VAL A 294 -10.22 0.46 19.98
C VAL A 294 -9.87 1.30 21.20
N SER A 295 -9.15 2.40 20.97
CA SER A 295 -8.80 3.35 22.02
C SER A 295 -9.11 4.75 21.51
N PRO A 296 -9.20 5.78 22.38
CA PRO A 296 -9.27 7.15 21.88
C PRO A 296 -8.12 7.49 20.92
N GLU A 297 -6.92 7.01 21.23
CA GLU A 297 -5.78 7.29 20.37
C GLU A 297 -5.97 6.60 19.02
N ALA A 298 -6.44 5.36 18.97
CA ALA A 298 -6.66 4.66 17.71
C ALA A 298 -7.67 5.43 16.86
N LEU A 299 -8.73 5.94 17.48
CA LEU A 299 -9.79 6.63 16.74
C LEU A 299 -9.28 8.00 16.25
N ASP A 300 -8.48 8.69 17.06
CA ASP A 300 -7.93 9.97 16.64
C ASP A 300 -7.02 9.77 15.43
N PHE A 301 -6.17 8.76 15.49
CA PHE A 301 -5.25 8.41 14.40
C PHE A 301 -6.05 8.05 13.15
N LEU A 302 -7.03 7.17 13.27
CA LEU A 302 -7.89 6.77 12.16
C LEU A 302 -8.51 8.00 11.48
N ASP A 303 -9.05 8.90 12.30
CA ASP A 303 -9.72 10.12 11.88
C ASP A 303 -8.79 10.94 10.97
N LYS A 304 -7.48 10.93 11.30
CA LYS A 304 -6.48 11.76 10.66
C LYS A 304 -5.89 11.12 9.39
N LEU A 305 -6.20 9.83 9.16
CA LEU A 305 -5.89 9.13 7.91
C LEU A 305 -7.05 9.26 6.93
N LEU A 306 -8.27 8.99 7.42
CA LEU A 306 -9.44 8.91 6.56
C LEU A 306 -10.06 10.30 6.39
N ARG A 307 -9.40 11.17 5.58
CA ARG A 307 -9.93 12.45 5.16
C ARG A 307 -10.09 12.42 3.64
N TYR A 308 -11.19 13.01 3.14
CA TYR A 308 -11.38 13.24 1.72
C TYR A 308 -10.17 13.96 1.10
N ASP A 309 -9.84 15.11 1.68
CA ASP A 309 -8.77 15.96 1.17
C ASP A 309 -7.44 15.26 1.41
N HIS A 310 -6.84 14.76 0.33
CA HIS A 310 -5.56 14.08 0.35
C HIS A 310 -4.50 14.93 1.05
N GLN A 311 -4.56 16.25 0.89
CA GLN A 311 -3.56 17.16 1.47
C GLN A 311 -3.67 17.20 3.00
N SER A 312 -4.82 16.84 3.59
CA SER A 312 -5.00 17.00 5.03
C SER A 312 -4.69 15.69 5.75
N ARG A 313 -4.46 14.57 5.04
CA ARG A 313 -4.14 13.31 5.70
C ARG A 313 -2.73 13.39 6.29
N LEU A 314 -2.51 12.67 7.40
CA LEU A 314 -1.16 12.56 7.92
C LEU A 314 -0.23 11.99 6.86
N THR A 315 1.02 12.51 6.88
CA THR A 315 2.10 11.84 6.18
C THR A 315 2.53 10.62 6.97
N ALA A 316 3.30 9.73 6.34
CA ALA A 316 3.86 8.59 7.05
C ALA A 316 4.66 9.02 8.29
N ARG A 317 5.50 10.06 8.13
CA ARG A 317 6.38 10.47 9.22
C ARG A 317 5.55 11.09 10.36
N GLU A 318 4.51 11.87 10.02
CA GLU A 318 3.60 12.43 11.04
C GLU A 318 2.88 11.29 11.78
N ALA A 319 2.42 10.28 11.03
CA ALA A 319 1.69 9.15 11.59
C ALA A 319 2.56 8.44 12.63
N MET A 320 3.85 8.33 12.34
CA MET A 320 4.81 7.64 13.21
C MET A 320 4.98 8.37 14.55
N GLU A 321 4.70 9.68 14.58
CA GLU A 321 4.81 10.49 15.80
C GLU A 321 3.50 10.48 16.61
N HIS A 322 2.44 9.90 16.05
CA HIS A 322 1.12 9.99 16.65
C HIS A 322 1.06 9.14 17.93
N PRO A 323 0.32 9.63 18.96
CA PRO A 323 0.14 8.92 20.22
C PRO A 323 -0.24 7.45 20.15
N TYR A 324 -0.93 7.01 19.10
CA TYR A 324 -1.24 5.58 18.93
C TYR A 324 0.03 4.71 19.05
N PHE A 325 1.18 5.26 18.64
CA PHE A 325 2.42 4.47 18.60
C PHE A 325 3.35 4.72 19.80
N TYR A 326 2.96 5.54 20.78
CA TYR A 326 3.94 6.08 21.72
C TYR A 326 4.64 4.95 22.48
N THR A 327 3.87 3.98 22.99
CA THR A 327 4.52 2.95 23.80
C THR A 327 5.31 2.02 22.90
N VAL A 328 4.89 1.73 21.65
CA VAL A 328 5.71 0.91 20.76
C VAL A 328 7.06 1.59 20.51
N VAL A 329 7.07 2.92 20.28
CA VAL A 329 8.33 3.60 19.97
C VAL A 329 9.24 3.53 21.19
N LYS A 330 8.65 3.73 22.37
CA LYS A 330 9.36 3.71 23.64
C LYS A 330 9.92 2.32 23.88
N ASP A 331 9.14 1.31 23.50
CA ASP A 331 9.50 -0.07 23.76
C ASP A 331 10.58 -0.51 22.75
N GLN A 332 10.52 0.00 21.53
CA GLN A 332 11.52 -0.31 20.52
C GLN A 332 12.86 0.24 20.96
N ALA A 333 12.86 1.49 21.45
CA ALA A 333 14.05 2.08 22.03
C ALA A 333 14.35 1.45 23.40
N ARG A 334 13.81 0.23 23.66
CA ARG A 334 14.01 -0.46 24.93
C ARG A 334 15.16 0.18 25.70
S SO4 B . -19.14 0.51 6.27
O1 SO4 B . -20.22 1.41 5.95
O2 SO4 B . -17.90 1.24 6.26
O3 SO4 B . -19.34 -0.06 7.58
O4 SO4 B . -19.09 -0.54 5.27
S SO4 C . 16.28 10.40 0.89
O1 SO4 C . 16.06 11.68 1.55
O2 SO4 C . 17.66 10.29 0.47
O3 SO4 C . 15.41 10.33 -0.27
O4 SO4 C . 15.96 9.30 1.79
S SO4 D . 14.34 -6.53 9.45
O1 SO4 D . 15.57 -7.12 9.91
O2 SO4 D . 14.64 -5.58 8.41
O3 SO4 D . 13.68 -5.86 10.54
O4 SO4 D . 13.47 -7.55 8.93
S SO4 E . -27.78 8.74 6.88
O1 SO4 E . -26.65 9.62 6.70
O2 SO4 E . -28.68 8.90 5.79
O3 SO4 E . -27.32 7.38 6.93
O4 SO4 E . -28.45 9.09 8.11
S SO4 F . -0.59 2.07 -14.52
O1 SO4 F . 0.44 2.63 -15.35
O2 SO4 F . -0.89 2.99 -13.45
O3 SO4 F . -0.20 0.81 -13.98
O4 SO4 F . -1.77 1.90 -15.32
C4 A1H6F G . -1.59 -9.94 6.97
C9 A1H6F G . 0.20 -13.08 1.75
N12 A1H6F G . 1.84 -14.91 0.20
C17 A1H6F G . 5.95 -16.45 1.26
C19 A1H6F G . 6.48 -14.71 -0.33
C20 A1H6F G . 5.18 -14.82 -0.89
C22 A1H6F G . 5.58 -13.07 -2.33
C25 A1H6F G . 7.32 -13.70 -0.85
C28 A1H6F G . 0.52 -14.48 2.25
C29 A1H6F G . -0.42 -9.36 7.43
C30 A1H6F G . -0.44 -8.22 8.20
C33 A1H6F G . -1.94 -6.91 10.90
C35 A1H6F G . -1.72 -4.62 11.61
CL1 A1H6F G . -4.32 -7.42 8.43
C2 A1H6F G . -2.80 -8.17 8.04
C3 A1H6F G . -2.79 -9.32 7.28
C5 A1H6F G . -1.57 -11.23 6.21
N6 A1H6F G . -0.92 -11.09 4.87
C7 A1H6F G . -0.69 -12.38 4.15
C8 A1H6F G . 0.07 -12.05 2.88
C10 A1H6F G . 1.30 -12.62 0.82
C11 A1H6F G . 1.50 -13.58 -0.33
S13 A1H6F G . 2.59 -15.92 -0.84
O14 A1H6F G . 2.45 -15.33 -2.14
C15 A1H6F G . 4.29 -15.77 -0.32
C16 A1H6F G . 4.67 -16.56 0.73
C18 A1H6F G . 6.84 -15.56 0.75
N21 A1H6F G . 4.74 -13.99 -1.89
C23 A1H6F G . 6.88 -12.87 -1.85
C24 A1H6F G . 7.72 -11.69 -2.33
O26 A1H6F G . 2.12 -17.24 -0.59
C27 A1H6F G . 0.79 -15.46 1.09
C31 A1H6F G . -1.65 -7.60 8.52
C32 A1H6F G . -1.63 -6.56 9.59
C34 A1H6F G . -1.99 -5.94 11.90
C36 A1H6F G . -1.40 -4.26 10.31
C37 A1H6F G . -1.35 -5.23 9.31
#